data_8QT4
#
_entry.id   8QT4
#
_cell.length_a   38.056
_cell.length_b   74.847
_cell.length_c   55.981
_cell.angle_alpha   90.00
_cell.angle_beta   96.37
_cell.angle_gamma   90.00
#
_symmetry.space_group_name_H-M   'P 1 21 1'
#
loop_
_entity.id
_entity.type
_entity.pdbx_description
1 polymer 'NAD-dependent protein deacetylase sirtuin-2'
2 polymer 'Peptide-based super-slow substrate TNFn-6'
3 non-polymer 'ZINC ION'
4 non-polymer 1,2-ETHANEDIOL
5 non-polymer 2-[BIS-(2-HYDROXY-ETHYL)-AMINO]-2-HYDROXYMETHYL-PROPANE-1,3-DIOL
6 non-polymer 'DIMETHYL SULFOXIDE'
7 non-polymer (R,R)-2,3-BUTANEDIOL
8 non-polymer 'TRIETHYLENE GLYCOL'
9 non-polymer NICOTINAMIDE-ADENINE-DINUCLEOTIDE
10 non-polymer '3-dodecylsulfanyl-2,2-dimethyl-propanoic acid'
11 water water
#
loop_
_entity_poly.entity_id
_entity_poly.type
_entity_poly.pdbx_seq_one_letter_code
_entity_poly.pdbx_strand_id
1 'polypeptide(L)'
;GHMERLLDELTLEGVARYMQSERCRRVICLVGAGISTSAGIPDFRSPSTGLYDNLEKYHLPYPEAIFEISYFKKHPEPFF
ALAKELYPGQFKPTICHYFMRLLKDKGLLLRCYTQNIDTLERIAGLEQEDLVEAHGTFYTSHCVSASCRHEYPLSWMKEK
IFSEVTPKCEDCQSLVKPDIVFFGESLPARFFSCMQSDFLKVDLLLVMGTSLQVQPFASLISKAPLSTPRLLINKEKAGQ
SDPFLGMIMGLGGGMDFDSKKAYRDVAWLGECDQGCLALAELLGWKKELEDLVRREHASIDAQS
;
A
2 'polypeptide(L)' EALPKK(NIY)GG(NH2) B
#
loop_
_chem_comp.id
_chem_comp.type
_chem_comp.name
_chem_comp.formula
BTB non-polymer 2-[BIS-(2-HYDROXY-ETHYL)-AMINO]-2-HYDROXYMETHYL-PROPANE-1,3-DIOL 'C8 H19 N O5'
BU3 non-polymer (R,R)-2,3-BUTANEDIOL 'C4 H10 O2'
DMS non-polymer 'DIMETHYL SULFOXIDE' 'C2 H6 O S'
EDO non-polymer 1,2-ETHANEDIOL 'C2 H6 O2'
NAD non-polymer NICOTINAMIDE-ADENINE-DINUCLEOTIDE 'C21 H27 N7 O14 P2'
NH2 non-polymer 'AMINO GROUP' 'H2 N'
PGE non-polymer 'TRIETHYLENE GLYCOL' 'C6 H14 O4'
WU8 non-polymer '3-dodecylsulfanyl-2,2-dimethyl-propanoic acid' 'C17 H34 O2 S'
ZN non-polymer 'ZINC ION' 'Zn 2'
#
# COMPACT_ATOMS: atom_id res chain seq x y z
N ARG A 5 1.61 -28.79 -8.57
CA ARG A 5 1.61 -27.36 -8.27
C ARG A 5 1.25 -26.58 -9.53
N LEU A 6 0.91 -25.30 -9.38
CA LEU A 6 0.43 -24.52 -10.52
C LEU A 6 1.57 -23.86 -11.29
N LEU A 7 2.66 -23.51 -10.64
CA LEU A 7 3.82 -22.93 -11.33
C LEU A 7 4.71 -24.04 -11.88
N ASP A 8 5.13 -23.89 -13.13
CA ASP A 8 6.04 -24.89 -13.69
C ASP A 8 7.47 -24.70 -13.22
N GLU A 9 7.82 -23.52 -12.70
CA GLU A 9 9.07 -23.31 -12.01
C GLU A 9 8.93 -22.08 -11.12
N LEU A 10 9.76 -22.04 -10.08
CA LEU A 10 9.67 -20.99 -9.05
C LEU A 10 10.56 -19.80 -9.44
N THR A 11 10.16 -19.14 -10.52
CA THR A 11 10.88 -18.02 -11.10
C THR A 11 9.86 -17.01 -11.63
N LEU A 12 10.36 -15.82 -11.95
CA LEU A 12 9.50 -14.82 -12.59
C LEU A 12 8.96 -15.33 -13.92
N GLU A 13 9.79 -16.07 -14.66
CA GLU A 13 9.36 -16.65 -15.93
C GLU A 13 8.22 -17.64 -15.71
N GLY A 14 8.30 -18.44 -14.65
CA GLY A 14 7.20 -19.34 -14.32
C GLY A 14 5.93 -18.61 -13.95
N VAL A 15 6.04 -17.51 -13.20
CA VAL A 15 4.87 -16.72 -12.85
C VAL A 15 4.23 -16.12 -14.10
N ALA A 16 5.05 -15.61 -15.02
CA ALA A 16 4.50 -15.04 -16.25
C ALA A 16 3.75 -16.08 -17.08
N ARG A 17 4.30 -17.29 -17.20
CA ARG A 17 3.59 -18.32 -17.97
C ARG A 17 2.28 -18.68 -17.30
N TYR A 18 2.26 -18.70 -15.96
CA TYR A 18 1.01 -18.97 -15.26
C TYR A 18 0.01 -17.85 -15.48
N MET A 19 0.47 -16.59 -15.47
CA MET A 19 -0.44 -15.46 -15.67
C MET A 19 -1.10 -15.50 -17.04
N GLN A 20 -0.42 -16.06 -18.03
CA GLN A 20 -0.85 -16.19 -19.42
CA GLN A 20 -1.04 -16.09 -19.35
C GLN A 20 -1.74 -17.41 -19.63
N SER A 21 -1.93 -18.25 -18.61
CA SER A 21 -2.73 -19.46 -18.73
C SER A 21 -4.18 -19.18 -18.34
N GLU A 22 -5.07 -20.10 -18.75
CA GLU A 22 -6.49 -19.94 -18.43
C GLU A 22 -6.76 -19.93 -16.93
N ARG A 23 -5.88 -20.54 -16.14
CA ARG A 23 -6.09 -20.66 -14.70
C ARG A 23 -5.99 -19.33 -13.97
N CYS A 24 -5.26 -18.36 -14.51
CA CYS A 24 -4.97 -17.12 -13.79
C CYS A 24 -5.93 -16.03 -14.26
N ARG A 25 -7.04 -15.89 -13.55
CA ARG A 25 -8.06 -14.91 -13.90
C ARG A 25 -8.15 -13.76 -12.92
N ARG A 26 -7.80 -13.99 -11.65
CA ARG A 26 -8.05 -13.01 -10.59
CA ARG A 26 -8.05 -13.01 -10.59
C ARG A 26 -6.76 -12.81 -9.79
N VAL A 27 -6.20 -11.61 -9.87
CA VAL A 27 -4.95 -11.28 -9.20
C VAL A 27 -5.27 -10.33 -8.04
N ILE A 28 -4.72 -10.62 -6.86
CA ILE A 28 -4.74 -9.67 -5.75
C ILE A 28 -3.34 -9.12 -5.56
N CYS A 29 -3.22 -7.80 -5.49
CA CYS A 29 -1.96 -7.16 -5.12
C CYS A 29 -2.01 -6.75 -3.65
N LEU A 30 -0.92 -7.01 -2.93
CA LEU A 30 -0.73 -6.53 -1.56
C LEU A 30 0.48 -5.62 -1.60
N VAL A 31 0.30 -4.32 -1.35
CA VAL A 31 1.42 -3.40 -1.51
C VAL A 31 1.61 -2.55 -0.27
N GLY A 32 2.85 -2.05 -0.14
CA GLY A 32 3.19 -1.14 0.93
C GLY A 32 4.12 -0.03 0.52
N ALA A 33 4.83 0.53 1.51
CA ALA A 33 5.55 1.78 1.31
C ALA A 33 6.65 1.66 0.28
N GLY A 34 7.15 0.45 0.04
CA GLY A 34 8.20 0.27 -0.96
C GLY A 34 7.78 0.58 -2.38
N ILE A 35 6.48 0.60 -2.69
CA ILE A 35 6.08 0.95 -4.06
C ILE A 35 5.98 2.45 -4.26
N SER A 36 6.14 3.26 -3.20
CA SER A 36 6.09 4.70 -3.36
C SER A 36 7.39 5.41 -3.01
N THR A 37 8.43 4.70 -2.60
CA THR A 37 9.69 5.37 -2.33
C THR A 37 10.28 5.99 -3.60
N SER A 38 10.08 5.38 -4.77
CA SER A 38 10.62 6.00 -5.97
C SER A 38 9.79 7.17 -6.44
N ALA A 39 8.61 7.37 -5.84
CA ALA A 39 7.78 8.56 -6.02
C ALA A 39 8.10 9.65 -5.00
N GLY A 40 9.05 9.40 -4.10
CA GLY A 40 9.50 10.39 -3.15
C GLY A 40 8.86 10.35 -1.78
N ILE A 41 8.13 9.29 -1.45
CA ILE A 41 7.49 9.14 -0.14
CA ILE A 41 7.50 9.15 -0.14
C ILE A 41 8.34 8.18 0.68
N PRO A 42 8.91 8.59 1.81
CA PRO A 42 9.77 7.68 2.58
C PRO A 42 9.01 6.49 3.15
N ASP A 43 9.72 5.37 3.24
CA ASP A 43 9.21 4.20 3.96
C ASP A 43 9.67 4.27 5.41
N PHE A 44 9.42 3.21 6.18
CA PHE A 44 10.03 3.05 7.50
C PHE A 44 11.37 2.33 7.44
N ARG A 45 11.52 1.41 6.49
CA ARG A 45 12.65 0.47 6.50
C ARG A 45 13.99 1.15 6.24
N SER A 46 14.04 2.16 5.36
CA SER A 46 15.34 2.77 5.04
C SER A 46 15.95 3.51 6.21
N PRO A 47 17.17 3.19 6.63
CA PRO A 47 17.80 3.94 7.72
C PRO A 47 18.29 5.31 7.30
N SER A 48 18.45 5.54 6.00
CA SER A 48 19.05 6.79 5.53
CA SER A 48 19.05 6.79 5.53
C SER A 48 17.98 7.82 5.18
N THR A 49 16.88 7.38 4.57
CA THR A 49 15.83 8.29 4.13
C THR A 49 14.48 7.97 4.77
N GLY A 50 14.39 6.96 5.64
CA GLY A 50 13.12 6.52 6.14
C GLY A 50 12.56 7.48 7.17
N LEU A 51 11.30 7.21 7.57
CA LEU A 51 10.57 8.13 8.43
C LEU A 51 11.26 8.39 9.76
N TYR A 52 11.97 7.39 10.31
CA TYR A 52 12.59 7.58 11.62
C TYR A 52 13.79 8.51 11.59
N ASP A 53 14.29 8.83 10.41
CA ASP A 53 15.36 9.81 10.29
C ASP A 53 14.76 11.21 10.45
N ASN A 54 15.35 12.01 11.34
CA ASN A 54 14.99 13.42 11.53
C ASN A 54 13.63 13.57 12.23
N LEU A 55 13.48 12.88 13.36
CA LEU A 55 12.28 13.00 14.18
C LEU A 55 12.54 13.61 15.55
N GLU A 56 13.78 14.01 15.83
CA GLU A 56 14.07 14.56 17.16
C GLU A 56 13.58 16.00 17.29
N LYS A 57 13.43 16.71 16.17
CA LYS A 57 12.88 18.06 16.21
C LYS A 57 11.46 18.09 16.80
N TYR A 58 10.78 16.94 16.83
CA TYR A 58 9.41 16.87 17.29
C TYR A 58 9.28 16.62 18.78
N HIS A 59 10.38 16.27 19.46
CA HIS A 59 10.41 16.15 20.92
C HIS A 59 9.43 15.08 21.42
N LEU A 60 9.43 13.95 20.74
CA LEU A 60 8.51 12.87 21.05
C LEU A 60 8.98 12.07 22.26
N PRO A 61 8.05 11.51 23.04
CA PRO A 61 8.46 10.61 24.13
C PRO A 61 9.18 9.38 23.62
N TYR A 62 8.81 8.89 22.45
CA TYR A 62 9.52 7.86 21.72
C TYR A 62 9.20 8.04 20.25
N PRO A 63 10.05 7.53 19.34
CA PRO A 63 9.85 7.84 17.92
C PRO A 63 8.51 7.41 17.36
N GLU A 64 8.02 6.23 17.75
CA GLU A 64 6.80 5.70 17.16
C GLU A 64 5.55 6.48 17.58
N ALA A 65 5.65 7.36 18.57
CA ALA A 65 4.48 8.02 19.11
C ALA A 65 3.76 8.88 18.07
N ILE A 66 4.51 9.46 17.12
CA ILE A 66 3.90 10.35 16.14
C ILE A 66 2.96 9.61 15.21
N PHE A 67 3.02 8.28 15.19
CA PHE A 67 2.13 7.47 14.38
C PHE A 67 1.08 6.72 15.20
N GLU A 68 0.98 7.01 16.49
CA GLU A 68 0.09 6.30 17.40
C GLU A 68 -1.12 7.17 17.76
N ILE A 69 -2.28 6.53 17.89
CA ILE A 69 -3.52 7.27 18.04
C ILE A 69 -3.58 7.98 19.39
N SER A 70 -3.12 7.34 20.47
CA SER A 70 -3.25 7.97 21.78
C SER A 70 -2.40 9.24 21.86
N TYR A 71 -1.24 9.24 21.21
CA TYR A 71 -0.45 10.47 21.18
C TYR A 71 -1.08 11.52 20.28
N PHE A 72 -1.58 11.10 19.12
CA PHE A 72 -2.22 12.05 18.20
C PHE A 72 -3.40 12.75 18.88
N LYS A 73 -4.16 12.01 19.69
CA LYS A 73 -5.30 12.59 20.37
C LYS A 73 -4.88 13.62 21.41
N LYS A 74 -3.69 13.46 21.99
CA LYS A 74 -3.20 14.41 22.97
C LYS A 74 -2.52 15.60 22.31
N HIS A 75 -1.78 15.36 21.23
CA HIS A 75 -0.98 16.39 20.58
C HIS A 75 -0.95 16.12 19.09
N PRO A 76 -1.94 16.64 18.35
CA PRO A 76 -1.96 16.40 16.89
C PRO A 76 -0.94 17.21 16.12
N GLU A 77 -0.31 18.22 16.74
CA GLU A 77 0.53 19.13 15.98
C GLU A 77 1.77 18.48 15.37
N PRO A 78 2.52 17.61 16.06
CA PRO A 78 3.70 17.00 15.40
C PRO A 78 3.35 16.23 14.14
N PHE A 79 2.26 15.46 14.15
CA PHE A 79 1.90 14.72 12.95
C PHE A 79 1.63 15.68 11.79
N PHE A 80 0.91 16.77 12.05
CA PHE A 80 0.61 17.68 10.95
C PHE A 80 1.86 18.40 10.48
N ALA A 81 2.80 18.68 11.39
CA ALA A 81 4.06 19.27 10.97
C ALA A 81 4.86 18.31 10.11
N LEU A 82 4.85 17.01 10.47
CA LEU A 82 5.55 16.02 9.65
C LEU A 82 4.88 15.87 8.29
N ALA A 83 3.54 15.88 8.25
CA ALA A 83 2.83 15.85 6.98
C ALA A 83 3.26 16.98 6.06
N LYS A 84 3.43 18.19 6.62
CA LYS A 84 3.90 19.31 5.79
C LYS A 84 5.31 19.07 5.29
N GLU A 85 6.19 18.57 6.15
CA GLU A 85 7.57 18.33 5.76
C GLU A 85 7.68 17.32 4.63
N LEU A 86 6.80 16.31 4.60
CA LEU A 86 6.89 15.23 3.63
C LEU A 86 5.93 15.37 2.45
N TYR A 87 5.07 16.39 2.44
CA TYR A 87 4.09 16.53 1.37
C TYR A 87 4.80 16.66 0.02
N PRO A 88 4.53 15.80 -0.95
CA PRO A 88 5.32 15.85 -2.20
C PRO A 88 4.94 17.02 -3.08
N GLY A 89 5.93 17.51 -3.84
CA GLY A 89 5.67 18.61 -4.74
C GLY A 89 4.78 18.22 -5.92
N GLN A 90 4.83 16.96 -6.32
CA GLN A 90 3.99 16.41 -7.36
C GLN A 90 3.64 14.98 -6.98
N PHE A 91 2.49 14.52 -7.46
CA PHE A 91 2.04 13.15 -7.21
C PHE A 91 2.14 12.39 -8.53
N LYS A 92 3.28 11.74 -8.73
CA LYS A 92 3.51 10.93 -9.94
C LYS A 92 3.59 9.46 -9.54
N PRO A 93 2.57 8.66 -9.86
CA PRO A 93 2.64 7.23 -9.52
C PRO A 93 3.82 6.57 -10.22
N THR A 94 4.32 5.50 -9.61
CA THR A 94 5.50 4.82 -10.10
C THR A 94 5.15 3.81 -11.20
N ILE A 95 6.20 3.32 -11.84
CA ILE A 95 6.07 2.19 -12.77
C ILE A 95 5.27 1.04 -12.14
N CYS A 96 5.55 0.73 -10.88
CA CYS A 96 4.81 -0.31 -10.16
C CYS A 96 3.31 0.02 -10.07
N HIS A 97 2.97 1.26 -9.71
CA HIS A 97 1.56 1.65 -9.71
C HIS A 97 0.92 1.44 -11.08
N TYR A 98 1.62 1.83 -12.14
CA TYR A 98 1.03 1.71 -13.47
C TYR A 98 1.00 0.26 -13.95
N PHE A 99 1.86 -0.61 -13.41
CA PHE A 99 1.71 -2.03 -13.66
C PHE A 99 0.36 -2.53 -13.13
N MET A 100 -0.03 -2.08 -11.95
CA MET A 100 -1.36 -2.42 -11.42
C MET A 100 -2.47 -1.82 -12.28
N ARG A 101 -2.27 -0.62 -12.82
CA ARG A 101 -3.23 -0.08 -13.78
C ARG A 101 -3.38 -1.00 -15.00
N LEU A 102 -2.28 -1.56 -15.51
CA LEU A 102 -2.38 -2.52 -16.60
C LEU A 102 -3.15 -3.76 -16.19
N LEU A 103 -2.92 -4.27 -14.97
CA LEU A 103 -3.70 -5.42 -14.51
C LEU A 103 -5.19 -5.10 -14.51
N LYS A 104 -5.55 -3.89 -14.08
CA LYS A 104 -6.94 -3.46 -14.13
C LYS A 104 -7.45 -3.40 -15.56
N ASP A 105 -6.70 -2.73 -16.45
CA ASP A 105 -7.16 -2.53 -17.81
C ASP A 105 -7.32 -3.84 -18.56
N LYS A 106 -6.55 -4.86 -18.18
CA LYS A 106 -6.61 -6.15 -18.85
C LYS A 106 -7.54 -7.13 -18.16
N GLY A 107 -8.29 -6.68 -17.16
CA GLY A 107 -9.31 -7.51 -16.55
C GLY A 107 -8.79 -8.52 -15.54
N LEU A 108 -7.54 -8.39 -15.11
CA LEU A 108 -6.93 -9.34 -14.19
C LEU A 108 -6.97 -8.92 -12.73
N LEU A 109 -7.23 -7.66 -12.43
CA LEU A 109 -7.11 -7.16 -11.06
C LEU A 109 -8.41 -7.40 -10.31
N LEU A 110 -8.38 -8.34 -9.35
CA LEU A 110 -9.49 -8.48 -8.43
C LEU A 110 -9.47 -7.37 -7.39
N ARG A 111 -8.30 -7.12 -6.78
CA ARG A 111 -8.23 -6.11 -5.73
C ARG A 111 -6.78 -5.73 -5.49
N CYS A 112 -6.56 -4.45 -5.16
CA CYS A 112 -5.29 -3.97 -4.62
C CYS A 112 -5.53 -3.64 -3.15
N TYR A 113 -4.93 -4.42 -2.26
CA TYR A 113 -4.89 -4.08 -0.84
C TYR A 113 -3.63 -3.28 -0.61
N THR A 114 -3.78 -2.04 -0.17
CA THR A 114 -2.64 -1.18 0.06
C THR A 114 -2.58 -0.71 1.51
N GLN A 115 -1.36 -0.64 2.03
CA GLN A 115 -1.07 0.01 3.30
C GLN A 115 -0.76 1.48 3.11
N ASN A 116 -0.69 1.97 1.88
CA ASN A 116 -0.26 3.33 1.63
C ASN A 116 -1.41 4.31 1.74
N ILE A 117 -1.07 5.52 2.18
CA ILE A 117 -2.03 6.59 2.40
CA ILE A 117 -2.03 6.59 2.40
C ILE A 117 -1.81 7.75 1.44
N ASP A 118 -0.93 7.58 0.45
CA ASP A 118 -0.45 8.69 -0.37
C ASP A 118 -1.30 8.96 -1.61
N THR A 119 -2.36 8.18 -1.85
CA THR A 119 -3.34 8.33 -2.93
C THR A 119 -2.80 7.96 -4.30
N LEU A 120 -1.56 7.46 -4.41
CA LEU A 120 -1.00 7.27 -5.75
C LEU A 120 -1.72 6.16 -6.53
N GLU A 121 -2.33 5.18 -5.86
CA GLU A 121 -3.11 4.17 -6.59
C GLU A 121 -4.27 4.81 -7.33
N ARG A 122 -4.96 5.74 -6.68
CA ARG A 122 -6.08 6.44 -7.30
C ARG A 122 -5.60 7.33 -8.44
N ILE A 123 -4.47 8.01 -8.26
CA ILE A 123 -3.94 8.86 -9.31
C ILE A 123 -3.57 8.02 -10.53
N ALA A 124 -3.05 6.81 -10.31
CA ALA A 124 -2.72 5.89 -11.39
C ALA A 124 -3.96 5.36 -12.11
N GLY A 125 -5.16 5.57 -11.57
CA GLY A 125 -6.36 5.14 -12.24
C GLY A 125 -7.06 3.94 -11.64
N LEU A 126 -6.61 3.44 -10.49
CA LEU A 126 -7.41 2.43 -9.81
C LEU A 126 -8.65 3.09 -9.19
N GLU A 127 -9.79 2.42 -9.30
CA GLU A 127 -11.03 2.97 -8.78
C GLU A 127 -11.25 2.53 -7.34
N GLN A 128 -12.17 3.21 -6.66
CA GLN A 128 -12.48 2.84 -5.30
C GLN A 128 -12.85 1.36 -5.20
N GLU A 129 -13.62 0.86 -6.18
CA GLU A 129 -14.03 -0.54 -6.17
CA GLU A 129 -14.03 -0.54 -6.15
C GLU A 129 -12.85 -1.50 -6.23
N ASP A 130 -11.74 -1.07 -6.86
CA ASP A 130 -10.53 -1.88 -7.00
C ASP A 130 -9.67 -1.90 -5.75
N LEU A 131 -9.92 -1.02 -4.79
CA LEU A 131 -8.98 -0.73 -3.72
C LEU A 131 -9.52 -1.14 -2.35
N VAL A 132 -8.65 -1.70 -1.53
CA VAL A 132 -8.83 -1.74 -0.09
C VAL A 132 -7.69 -0.93 0.49
N GLU A 133 -7.98 0.31 0.88
CA GLU A 133 -7.01 1.15 1.58
C GLU A 133 -7.05 0.72 3.03
N ALA A 134 -6.21 -0.28 3.35
CA ALA A 134 -6.29 -0.94 4.64
C ALA A 134 -5.97 -0.01 5.79
N HIS A 135 -5.08 0.95 5.57
CA HIS A 135 -4.75 1.93 6.60
C HIS A 135 -5.32 3.31 6.25
N GLY A 136 -6.37 3.34 5.44
CA GLY A 136 -7.03 4.58 5.08
C GLY A 136 -6.24 5.40 4.09
N THR A 137 -6.54 6.70 4.06
CA THR A 137 -5.99 7.54 3.01
C THR A 137 -6.08 9.01 3.41
N PHE A 138 -5.18 9.82 2.86
CA PHE A 138 -5.30 11.27 2.91
C PHE A 138 -6.33 11.82 1.94
N TYR A 139 -6.87 10.99 1.04
CA TYR A 139 -7.75 11.46 -0.02
C TYR A 139 -8.93 12.22 0.54
N THR A 140 -9.47 11.76 1.66
CA THR A 140 -10.57 12.43 2.35
C THR A 140 -10.19 12.56 3.82
N SER A 141 -10.80 13.56 4.46
CA SER A 141 -10.62 13.84 5.87
C SER A 141 -12.00 14.04 6.49
N HIS A 142 -12.10 13.87 7.80
CA HIS A 142 -13.37 14.09 8.48
C HIS A 142 -13.17 14.78 9.83
N CYS A 143 -14.09 15.71 10.12
CA CYS A 143 -14.26 16.18 11.49
C CYS A 143 -14.38 15.00 12.45
N VAL A 144 -13.72 15.08 13.60
CA VAL A 144 -13.69 13.95 14.53
C VAL A 144 -14.89 13.91 15.48
N SER A 145 -15.75 14.92 15.49
CA SER A 145 -16.90 14.93 16.39
C SER A 145 -17.98 13.98 15.89
N ALA A 146 -18.39 13.04 16.74
CA ALA A 146 -19.32 12.01 16.31
C ALA A 146 -20.64 12.57 15.80
N SER A 147 -21.07 13.72 16.30
CA SER A 147 -22.33 14.33 15.90
CA SER A 147 -22.34 14.31 15.89
C SER A 147 -22.22 15.17 14.64
N CYS A 148 -21.01 15.32 14.09
CA CYS A 148 -20.80 16.18 12.92
C CYS A 148 -20.19 15.41 11.76
N ARG A 149 -18.92 15.00 11.84
CA ARG A 149 -18.29 14.13 10.84
C ARG A 149 -18.29 14.75 9.45
N HIS A 150 -18.28 16.09 9.38
CA HIS A 150 -18.16 16.79 8.10
C HIS A 150 -16.93 16.32 7.33
N GLU A 151 -17.11 16.06 6.04
CA GLU A 151 -16.05 15.54 5.18
C GLU A 151 -15.37 16.68 4.41
N TYR A 152 -14.04 16.58 4.29
CA TYR A 152 -13.21 17.58 3.62
C TYR A 152 -12.28 16.93 2.62
N PRO A 153 -12.14 17.52 1.44
CA PRO A 153 -11.27 16.96 0.41
C PRO A 153 -9.80 17.30 0.69
N LEU A 154 -8.92 16.61 -0.05
CA LEU A 154 -7.48 16.80 0.15
C LEU A 154 -7.05 18.23 -0.16
N SER A 155 -7.70 18.89 -1.12
CA SER A 155 -7.38 20.29 -1.40
C SER A 155 -7.54 21.15 -0.16
N TRP A 156 -8.59 20.89 0.62
CA TRP A 156 -8.81 21.62 1.86
C TRP A 156 -7.75 21.26 2.90
N MET A 157 -7.48 19.96 3.05
CA MET A 157 -6.53 19.50 4.06
C MET A 157 -5.11 19.99 3.75
N LYS A 158 -4.70 19.94 2.48
CA LYS A 158 -3.38 20.44 2.10
C LYS A 158 -3.18 21.91 2.49
N GLU A 159 -4.20 22.75 2.27
CA GLU A 159 -4.04 24.17 2.59
C GLU A 159 -3.89 24.37 4.09
N LYS A 160 -4.63 23.61 4.89
CA LYS A 160 -4.47 23.70 6.35
C LYS A 160 -3.08 23.23 6.77
N ILE A 161 -2.58 22.18 6.12
CA ILE A 161 -1.26 21.65 6.46
C ILE A 161 -0.15 22.64 6.12
N PHE A 162 -0.26 23.31 4.97
CA PHE A 162 0.83 24.18 4.54
C PHE A 162 0.80 25.55 5.20
N SER A 163 -0.39 26.03 5.57
CA SER A 163 -0.41 27.27 6.34
C SER A 163 0.00 27.04 7.79
N GLU A 164 0.29 25.79 8.17
CA GLU A 164 0.66 25.43 9.53
C GLU A 164 -0.44 25.80 10.52
N VAL A 165 -1.69 25.58 10.10
CA VAL A 165 -2.86 25.77 10.94
C VAL A 165 -3.47 24.39 11.19
N THR A 166 -3.57 24.02 12.48
CA THR A 166 -4.16 22.74 12.83
C THR A 166 -5.58 22.69 12.29
N PRO A 167 -5.93 21.73 11.44
CA PRO A 167 -7.22 21.82 10.73
C PRO A 167 -8.41 21.67 11.66
N LYS A 168 -9.30 22.66 11.63
CA LYS A 168 -10.50 22.64 12.44
C LYS A 168 -11.74 22.68 11.54
N CYS A 169 -12.79 22.02 12.01
CA CYS A 169 -14.03 21.92 11.24
C CYS A 169 -14.73 23.27 11.16
N GLU A 170 -15.17 23.62 9.94
CA GLU A 170 -15.86 24.88 9.72
C GLU A 170 -17.26 24.90 10.33
N ASP A 171 -17.86 23.73 10.56
CA ASP A 171 -19.18 23.66 11.16
C ASP A 171 -19.15 23.67 12.69
N CYS A 172 -18.20 22.95 13.31
CA CYS A 172 -18.22 22.80 14.77
C CYS A 172 -16.90 23.09 15.47
N GLN A 173 -15.83 23.39 14.72
CA GLN A 173 -14.49 23.72 15.22
C GLN A 173 -13.77 22.55 15.90
N SER A 174 -14.24 21.32 15.73
CA SER A 174 -13.46 20.17 16.20
C SER A 174 -12.28 19.94 15.27
N LEU A 175 -11.38 19.05 15.69
CA LEU A 175 -10.27 18.67 14.83
C LEU A 175 -10.77 17.96 13.57
N VAL A 176 -10.15 18.24 12.44
CA VAL A 176 -10.39 17.45 11.21
C VAL A 176 -9.18 16.56 10.97
N LYS A 177 -9.43 15.27 10.86
CA LYS A 177 -8.39 14.26 10.79
C LYS A 177 -8.38 13.61 9.42
N PRO A 178 -7.24 13.47 8.76
CA PRO A 178 -7.18 12.66 7.54
C PRO A 178 -7.73 11.26 7.82
N ASP A 179 -8.38 10.66 6.82
CA ASP A 179 -9.02 9.36 6.97
C ASP A 179 -8.02 8.20 7.03
N ILE A 180 -6.98 8.34 7.84
CA ILE A 180 -5.96 7.31 7.97
C ILE A 180 -6.14 6.58 9.28
N VAL A 181 -5.64 5.35 9.33
CA VAL A 181 -5.68 4.48 10.51
C VAL A 181 -4.35 4.64 11.23
N PHE A 182 -4.33 5.32 12.38
CA PHE A 182 -3.12 5.37 13.21
C PHE A 182 -2.87 4.02 13.87
N PHE A 183 -1.62 3.79 14.27
CA PHE A 183 -1.35 2.60 15.08
C PHE A 183 -2.23 2.65 16.33
N GLY A 184 -2.87 1.53 16.64
CA GLY A 184 -3.79 1.46 17.76
C GLY A 184 -5.24 1.69 17.41
N GLU A 185 -5.54 2.04 16.17
CA GLU A 185 -6.93 2.18 15.72
C GLU A 185 -7.40 0.95 14.97
N SER A 186 -8.70 0.72 15.03
CA SER A 186 -9.30 -0.37 14.27
CA SER A 186 -9.32 -0.38 14.27
C SER A 186 -9.23 -0.11 12.78
N LEU A 187 -8.96 -1.16 12.01
CA LEU A 187 -9.00 -1.06 10.57
C LEU A 187 -10.44 -0.90 10.08
N PRO A 188 -10.63 -0.38 8.87
CA PRO A 188 -11.99 -0.19 8.35
C PRO A 188 -12.71 -1.51 8.11
N ALA A 189 -14.04 -1.50 8.28
CA ALA A 189 -14.82 -2.71 8.07
C ALA A 189 -14.63 -3.26 6.66
N ARG A 190 -14.41 -2.37 5.68
CA ARG A 190 -14.20 -2.79 4.30
C ARG A 190 -13.03 -3.76 4.18
N PHE A 191 -11.97 -3.56 4.96
CA PHE A 191 -10.81 -4.46 4.94
C PHE A 191 -11.24 -5.90 5.24
N PHE A 192 -12.02 -6.08 6.31
CA PHE A 192 -12.40 -7.43 6.74
C PHE A 192 -13.44 -8.03 5.80
N SER A 193 -14.40 -7.22 5.34
CA SER A 193 -15.41 -7.76 4.43
CA SER A 193 -15.42 -7.72 4.42
C SER A 193 -14.79 -8.20 3.12
N CYS A 194 -13.86 -7.40 2.57
CA CYS A 194 -13.22 -7.81 1.32
C CYS A 194 -12.33 -9.02 1.53
N MET A 195 -11.59 -9.05 2.65
CA MET A 195 -10.69 -10.17 2.92
CA MET A 195 -10.68 -10.17 2.88
C MET A 195 -11.44 -11.48 3.01
N GLN A 196 -12.64 -11.46 3.58
CA GLN A 196 -13.41 -12.69 3.76
C GLN A 196 -13.98 -13.24 2.46
N SER A 197 -14.04 -12.43 1.41
CA SER A 197 -14.61 -12.83 0.12
C SER A 197 -13.56 -12.99 -0.97
N ASP A 198 -12.64 -12.02 -1.06
CA ASP A 198 -11.70 -11.97 -2.17
C ASP A 198 -10.79 -13.19 -2.20
N PHE A 199 -10.37 -13.67 -1.03
CA PHE A 199 -9.39 -14.74 -1.02
C PHE A 199 -10.00 -16.12 -1.25
N LEU A 200 -11.33 -16.22 -1.38
CA LEU A 200 -11.93 -17.47 -1.82
C LEU A 200 -11.56 -17.79 -3.27
N LYS A 201 -11.37 -16.75 -4.08
CA LYS A 201 -11.35 -16.90 -5.53
C LYS A 201 -10.08 -16.33 -6.17
N VAL A 202 -9.05 -16.02 -5.39
CA VAL A 202 -7.83 -15.45 -5.94
C VAL A 202 -6.97 -16.53 -6.59
N ASP A 203 -6.38 -16.21 -7.76
CA ASP A 203 -5.50 -17.11 -8.50
C ASP A 203 -4.02 -16.77 -8.37
N LEU A 204 -3.67 -15.55 -7.97
CA LEU A 204 -2.29 -15.12 -7.85
C LEU A 204 -2.22 -14.00 -6.84
N LEU A 205 -1.24 -14.07 -5.94
CA LEU A 205 -0.94 -12.98 -5.02
CA LEU A 205 -0.95 -12.99 -5.02
C LEU A 205 0.34 -12.31 -5.47
N LEU A 206 0.29 -11.01 -5.69
CA LEU A 206 1.45 -10.21 -6.04
CA LEU A 206 1.44 -10.19 -6.04
C LEU A 206 1.71 -9.27 -4.86
N VAL A 207 2.81 -9.51 -4.16
CA VAL A 207 3.16 -8.78 -2.94
C VAL A 207 4.32 -7.87 -3.28
N MET A 208 4.17 -6.56 -3.07
CA MET A 208 5.20 -5.65 -3.55
C MET A 208 5.49 -4.54 -2.54
N GLY A 209 6.77 -4.35 -2.25
CA GLY A 209 7.18 -3.20 -1.46
C GLY A 209 6.62 -3.16 -0.04
N THR A 210 6.66 -4.28 0.66
CA THR A 210 6.27 -4.27 2.07
C THR A 210 7.13 -5.25 2.83
N SER A 211 7.40 -4.92 4.09
CA SER A 211 8.16 -5.80 4.97
C SER A 211 7.28 -6.82 5.69
N LEU A 212 5.96 -6.74 5.51
CA LEU A 212 5.02 -7.70 6.08
C LEU A 212 5.19 -7.86 7.59
N GLN A 213 5.27 -6.72 8.27
CA GLN A 213 5.36 -6.72 9.73
C GLN A 213 4.13 -6.15 10.41
N VAL A 214 3.48 -5.17 9.82
CA VAL A 214 2.31 -4.55 10.43
C VAL A 214 1.11 -5.47 10.28
N GLN A 215 0.38 -5.66 11.38
CA GLN A 215 -0.78 -6.53 11.43
C GLN A 215 -2.05 -5.72 11.60
N PRO A 216 -3.21 -6.24 11.17
CA PRO A 216 -3.41 -7.55 10.56
C PRO A 216 -3.09 -7.59 9.08
N PHE A 217 -2.61 -6.51 8.45
CA PHE A 217 -2.35 -6.55 7.01
C PHE A 217 -1.44 -7.71 6.62
N ALA A 218 -0.35 -7.92 7.38
CA ALA A 218 0.63 -8.91 6.95
C ALA A 218 0.03 -10.30 6.89
N SER A 219 -0.99 -10.58 7.69
CA SER A 219 -1.63 -11.90 7.72
CA SER A 219 -1.60 -11.90 7.71
C SER A 219 -2.40 -12.19 6.44
N LEU A 220 -2.59 -11.21 5.56
CA LEU A 220 -3.32 -11.48 4.33
C LEU A 220 -2.64 -12.55 3.48
N ILE A 221 -1.31 -12.69 3.58
CA ILE A 221 -0.67 -13.69 2.72
C ILE A 221 -1.15 -15.10 3.09
N SER A 222 -1.56 -15.32 4.33
CA SER A 222 -2.02 -16.64 4.76
C SER A 222 -3.47 -16.90 4.41
N LYS A 223 -4.18 -15.92 3.86
CA LYS A 223 -5.60 -16.10 3.55
C LYS A 223 -5.83 -16.72 2.18
N ALA A 224 -4.82 -16.75 1.31
CA ALA A 224 -5.01 -17.36 0.01
C ALA A 224 -5.12 -18.88 0.12
N PRO A 225 -5.82 -19.53 -0.81
CA PRO A 225 -5.78 -21.00 -0.86
C PRO A 225 -4.35 -21.49 -0.96
N LEU A 226 -4.13 -22.70 -0.45
CA LEU A 226 -2.77 -23.22 -0.40
C LEU A 226 -2.17 -23.42 -1.79
N SER A 227 -2.99 -23.54 -2.82
CA SER A 227 -2.45 -23.68 -4.18
C SER A 227 -2.13 -22.36 -4.86
N THR A 228 -2.52 -21.22 -4.30
CA THR A 228 -2.37 -19.95 -5.02
C THR A 228 -0.91 -19.50 -5.04
N PRO A 229 -0.30 -19.33 -6.22
CA PRO A 229 1.08 -18.82 -6.25
C PRO A 229 1.19 -17.42 -5.65
N ARG A 230 2.33 -17.17 -5.02
CA ARG A 230 2.61 -15.87 -4.37
C ARG A 230 3.96 -15.37 -4.83
N LEU A 231 3.96 -14.21 -5.51
CA LEU A 231 5.18 -13.57 -6.01
C LEU A 231 5.47 -12.34 -5.16
N LEU A 232 6.66 -12.29 -4.58
CA LEU A 232 7.15 -11.12 -3.85
C LEU A 232 8.12 -10.35 -4.73
N ILE A 233 7.84 -9.07 -4.94
CA ILE A 233 8.78 -8.16 -5.60
C ILE A 233 9.17 -7.11 -4.57
N ASN A 234 10.40 -7.16 -4.09
CA ASN A 234 10.76 -6.38 -2.92
C ASN A 234 12.27 -6.36 -2.79
N LYS A 235 12.81 -5.31 -2.18
CA LYS A 235 14.26 -5.23 -2.08
C LYS A 235 14.83 -6.32 -1.17
N GLU A 236 14.06 -6.75 -0.16
CA GLU A 236 14.50 -7.78 0.76
C GLU A 236 13.47 -8.90 0.84
N LYS A 237 13.93 -10.08 1.28
CA LYS A 237 13.12 -11.30 1.25
C LYS A 237 12.16 -11.37 2.44
N ALA A 238 11.06 -10.63 2.32
CA ALA A 238 10.11 -10.47 3.42
C ALA A 238 9.10 -11.62 3.47
N GLY A 239 8.47 -11.76 4.64
CA GLY A 239 7.35 -12.67 4.79
C GLY A 239 7.68 -14.06 5.26
N GLN A 240 8.94 -14.36 5.51
CA GLN A 240 9.33 -15.67 6.02
C GLN A 240 8.99 -15.77 7.51
N SER A 241 8.77 -17.01 7.96
CA SER A 241 8.52 -17.23 9.37
C SER A 241 9.78 -16.90 10.17
N ASP A 242 9.60 -16.27 11.33
CA ASP A 242 10.71 -15.97 12.23
C ASP A 242 11.09 -17.24 12.99
N PRO A 243 12.38 -17.58 13.07
CA PRO A 243 12.76 -18.83 13.75
C PRO A 243 12.44 -18.82 15.24
N PHE A 244 12.21 -17.66 15.83
CA PHE A 244 11.91 -17.59 17.25
C PHE A 244 10.41 -17.55 17.50
N LEU A 245 9.71 -16.65 16.82
CA LEU A 245 8.25 -16.58 16.97
C LEU A 245 7.60 -17.87 16.47
N GLY A 246 8.21 -18.55 15.50
CA GLY A 246 7.65 -19.79 15.01
C GLY A 246 7.60 -20.90 16.04
N MET A 247 8.39 -20.80 17.10
CA MET A 247 8.33 -21.76 18.20
C MET A 247 6.97 -21.69 18.87
N GLY A 254 3.77 -18.53 6.60
CA GLY A 254 4.69 -17.58 6.00
C GLY A 254 5.08 -17.98 4.59
N MET A 255 5.89 -17.14 3.95
CA MET A 255 6.44 -17.46 2.65
C MET A 255 7.47 -18.56 2.77
N ASP A 256 7.42 -19.53 1.84
CA ASP A 256 8.42 -20.60 1.75
C ASP A 256 9.03 -20.53 0.35
N PHE A 257 10.12 -19.77 0.23
CA PHE A 257 10.80 -19.63 -1.05
C PHE A 257 11.84 -20.71 -1.29
N ASP A 258 12.41 -21.28 -0.22
CA ASP A 258 13.69 -21.94 -0.30
C ASP A 258 13.73 -23.37 0.24
N SER A 259 12.70 -23.85 0.91
CA SER A 259 12.82 -25.18 1.50
C SER A 259 12.63 -26.26 0.45
N LYS A 260 12.93 -27.50 0.85
CA LYS A 260 12.69 -28.65 -0.03
C LYS A 260 11.21 -28.84 -0.30
N LYS A 261 10.34 -28.24 0.51
CA LYS A 261 8.91 -28.30 0.29
C LYS A 261 8.38 -27.12 -0.50
N ALA A 262 9.23 -26.18 -0.90
CA ALA A 262 8.74 -24.99 -1.59
C ALA A 262 8.07 -25.37 -2.90
N TYR A 263 6.92 -24.74 -3.17
CA TYR A 263 6.16 -25.18 -4.33
C TYR A 263 5.39 -24.06 -5.02
N ARG A 264 5.32 -22.86 -4.41
CA ARG A 264 4.45 -21.85 -4.98
C ARG A 264 4.87 -20.41 -4.77
N ASP A 265 5.92 -20.17 -3.99
CA ASP A 265 6.32 -18.81 -3.61
C ASP A 265 7.62 -18.46 -4.33
N VAL A 266 7.64 -17.26 -4.91
CA VAL A 266 8.77 -16.77 -5.70
C VAL A 266 9.19 -15.40 -5.16
N ALA A 267 10.48 -15.21 -4.92
CA ALA A 267 11.00 -13.91 -4.51
C ALA A 267 11.86 -13.32 -5.62
N TRP A 268 11.49 -12.13 -6.09
CA TRP A 268 12.30 -11.33 -7.00
C TRP A 268 12.82 -10.15 -6.18
N LEU A 269 14.12 -10.17 -5.89
CA LEU A 269 14.73 -9.21 -4.96
C LEU A 269 15.35 -8.06 -5.75
N GLY A 270 14.73 -6.89 -5.63
CA GLY A 270 15.21 -5.71 -6.30
C GLY A 270 14.17 -4.61 -6.17
N GLU A 271 14.35 -3.56 -6.97
CA GLU A 271 13.42 -2.44 -6.99
CA GLU A 271 13.41 -2.46 -6.94
C GLU A 271 12.08 -2.84 -7.59
N CYS A 272 10.98 -2.38 -6.97
CA CYS A 272 9.64 -2.71 -7.47
C CYS A 272 9.46 -2.27 -8.92
N ASP A 273 9.97 -1.09 -9.27
CA ASP A 273 9.83 -0.62 -10.64
C ASP A 273 10.54 -1.54 -11.62
N GLN A 274 11.72 -2.03 -11.23
CA GLN A 274 12.47 -2.91 -12.13
C GLN A 274 11.84 -4.29 -12.22
N GLY A 275 11.34 -4.81 -11.10
CA GLY A 275 10.69 -6.12 -11.15
C GLY A 275 9.40 -6.10 -11.93
N CYS A 276 8.61 -5.04 -11.78
CA CYS A 276 7.38 -4.92 -12.54
C CYS A 276 7.68 -4.74 -14.03
N LEU A 277 8.73 -4.00 -14.36
CA LEU A 277 9.12 -3.86 -15.76
C LEU A 277 9.54 -5.21 -16.35
N ALA A 278 10.29 -6.00 -15.56
CA ALA A 278 10.73 -7.31 -16.02
C ALA A 278 9.55 -8.24 -16.24
N LEU A 279 8.59 -8.23 -15.31
CA LEU A 279 7.40 -9.04 -15.49
C LEU A 279 6.60 -8.58 -16.69
N ALA A 280 6.38 -7.26 -16.81
CA ALA A 280 5.70 -6.72 -17.99
C ALA A 280 6.37 -7.19 -19.28
N GLU A 281 7.70 -7.17 -19.33
CA GLU A 281 8.40 -7.58 -20.55
C GLU A 281 8.08 -9.03 -20.90
N LEU A 282 8.11 -9.93 -19.91
CA LEU A 282 7.78 -11.32 -20.16
C LEU A 282 6.35 -11.48 -20.69
N LEU A 283 5.43 -10.63 -20.23
CA LEU A 283 4.03 -10.71 -20.62
C LEU A 283 3.73 -10.05 -21.95
N GLY A 284 4.72 -9.41 -22.58
CA GLY A 284 4.44 -8.65 -23.78
C GLY A 284 3.86 -7.27 -23.52
N TRP A 285 4.02 -6.74 -22.30
CA TRP A 285 3.44 -5.46 -21.92
C TRP A 285 4.47 -4.34 -21.78
N LYS A 286 5.73 -4.58 -22.14
CA LYS A 286 6.76 -3.59 -21.83
C LYS A 286 6.51 -2.27 -22.57
N LYS A 287 6.23 -2.32 -23.88
CA LYS A 287 5.93 -1.09 -24.61
C LYS A 287 4.70 -0.41 -24.03
N GLU A 288 3.66 -1.20 -23.72
CA GLU A 288 2.44 -0.62 -23.15
C GLU A 288 2.74 0.11 -21.85
N LEU A 289 3.53 -0.51 -20.97
CA LEU A 289 3.85 0.09 -19.68
C LEU A 289 4.72 1.33 -19.85
N GLU A 290 5.75 1.26 -20.71
CA GLU A 290 6.60 2.43 -20.97
C GLU A 290 5.76 3.60 -21.49
N ASP A 291 4.90 3.31 -22.48
CA ASP A 291 4.09 4.38 -23.06
C ASP A 291 3.13 4.96 -22.03
N LEU A 292 2.52 4.08 -21.22
CA LEU A 292 1.56 4.53 -20.21
C LEU A 292 2.24 5.45 -19.19
N VAL A 293 3.38 5.02 -18.65
CA VAL A 293 4.04 5.83 -17.63
C VAL A 293 4.46 7.17 -18.21
N ARG A 294 5.08 7.17 -19.41
CA ARG A 294 5.54 8.44 -19.98
C ARG A 294 4.37 9.37 -20.30
N ARG A 295 3.26 8.81 -20.83
CA ARG A 295 2.08 9.61 -21.13
C ARG A 295 1.47 10.21 -19.87
N GLU A 296 1.30 9.38 -18.83
CA GLU A 296 0.69 9.85 -17.59
C GLU A 296 1.55 10.90 -16.91
N HIS A 297 2.87 10.66 -16.85
CA HIS A 297 3.73 11.67 -16.22
C HIS A 297 3.72 12.97 -17.01
N ALA A 298 3.73 12.89 -18.35
CA ALA A 298 3.70 14.11 -19.16
C ALA A 298 2.40 14.87 -18.96
N SER A 299 1.30 14.14 -18.79
CA SER A 299 0.02 14.80 -18.57
CA SER A 299 0.01 14.78 -18.57
C SER A 299 -0.03 15.46 -17.20
N ILE A 300 0.56 14.82 -16.19
CA ILE A 300 0.64 15.43 -14.88
C ILE A 300 1.45 16.72 -14.95
N ASP A 301 2.58 16.70 -15.66
CA ASP A 301 3.37 17.91 -15.84
C ASP A 301 2.58 19.00 -16.57
N ALA A 302 1.78 18.63 -17.56
CA ALA A 302 1.06 19.62 -18.34
C ALA A 302 -0.04 20.30 -17.52
N GLN A 303 -0.47 19.70 -16.42
CA GLN A 303 -1.44 20.32 -15.53
C GLN A 303 -0.77 21.01 -14.34
N SER A 304 0.56 21.09 -14.33
CA SER A 304 1.30 21.80 -13.28
C SER A 304 1.81 23.13 -13.82
N ALA B 2 -15.35 -3.45 18.57
CA ALA B 2 -14.27 -2.83 17.80
C ALA B 2 -13.50 -3.86 17.00
N LEU B 3 -13.21 -3.51 15.74
CA LEU B 3 -12.49 -4.37 14.83
C LEU B 3 -11.00 -4.44 15.21
N PRO B 4 -10.29 -5.46 14.73
CA PRO B 4 -8.87 -5.58 15.06
C PRO B 4 -8.08 -4.32 14.72
N LYS B 5 -7.11 -4.03 15.57
CA LYS B 5 -6.37 -2.78 15.49
C LYS B 5 -5.05 -2.93 14.75
N LYS B 6 -4.63 -1.81 14.20
CA LYS B 6 -3.32 -1.71 13.50
CA LYS B 6 -3.32 -1.71 13.50
C LYS B 6 -2.17 -1.83 14.52
N NIY B 7 -1.30 -2.81 14.37
CA NIY B 7 -0.18 -2.88 15.36
C NIY B 7 1.11 -3.31 14.66
O NIY B 7 1.04 -4.05 13.66
CB NIY B 7 -0.56 -3.78 16.54
CG NIY B 7 -0.83 -5.24 16.24
CD1 NIY B 7 -2.07 -5.64 15.78
CD2 NIY B 7 0.13 -6.21 16.48
CE1 NIY B 7 -2.34 -6.99 15.57
CE2 NIY B 7 -0.13 -7.55 16.27
CZ NIY B 7 -1.38 -7.97 15.81
OH NIY B 7 -1.57 -9.29 15.60
NN NIY B 7 -3.67 -7.32 15.04
O1 NIY B 7 -4.63 -6.67 15.42
O2 NIY B 7 -3.75 -8.25 14.26
N GLY B 8 2.26 -2.84 15.17
CA GLY B 8 3.53 -3.19 14.58
C GLY B 8 4.08 -4.49 15.13
ZN ZN C . -17.49 19.24 12.69
C1 EDO D . 8.28 -1.15 10.75
O1 EDO D . 8.38 -0.11 11.74
C2 EDO D . 6.83 -1.50 10.53
O2 EDO D . 6.71 -2.17 9.27
C1 EDO E . 16.12 -12.31 -8.48
O1 EDO E . 15.94 -12.14 -7.08
C2 EDO E . 17.19 -11.36 -9.00
O2 EDO E . 16.69 -10.01 -9.00
C1 BTB F . 11.95 -7.58 7.83
O1 BTB F . 10.85 -7.54 6.95
C2 BTB F . 12.75 -8.89 7.63
C3 BTB F . 13.59 -8.70 6.34
O3 BTB F . 13.16 -9.42 5.22
C4 BTB F . 13.80 -8.99 8.74
O4 BTB F . 13.24 -8.81 10.02
N BTB F . 11.91 -10.10 7.58
C5 BTB F . 10.83 -10.11 8.56
C6 BTB F . 9.41 -10.35 8.06
O6 BTB F . 9.23 -9.97 6.70
C7 BTB F . 12.66 -11.36 7.58
C8 BTB F . 11.96 -12.64 7.13
O8 BTB F . 11.37 -12.55 5.84
S DMS G . 19.02 2.58 1.85
O DMS G . 17.72 3.29 1.98
C1 DMS G . 20.11 3.68 0.94
C2 DMS G . 18.78 1.32 0.56
O6 BU3 H . 15.12 -1.27 1.79
C3 BU3 H . 16.14 -1.60 2.70
C4 BU3 H . 16.80 -0.36 3.30
C2 BU3 H . 17.13 -2.55 2.04
O5 BU3 H . 16.60 -3.86 1.92
C1 BU3 H . 18.41 -2.52 2.83
C1 EDO I . 14.34 -22.17 -7.06
O1 EDO I . 14.11 -21.19 -8.07
C2 EDO I . 13.59 -21.79 -5.79
O2 EDO I . 13.75 -22.85 -4.83
C1 PGE J . -6.96 9.87 -12.03
O1 PGE J . -5.90 10.26 -12.90
C2 PGE J . -8.16 10.77 -12.25
O2 PGE J . -9.31 10.07 -11.83
C3 PGE J . -10.46 10.88 -11.66
C4 PGE J . -11.59 9.98 -11.23
O4 PGE J . -10.91 5.96 -12.28
C6 PGE J . -12.18 6.56 -12.42
C5 PGE J . -12.29 7.72 -11.45
O3 PGE J . -11.39 8.73 -11.86
PA NAD K . 8.26 -0.78 5.60
O1A NAD K . 9.02 0.49 5.50
O2A NAD K . 8.25 -1.50 6.90
O5B NAD K . 8.75 -1.81 4.50
C5B NAD K . 8.97 -1.32 3.17
C4B NAD K . 9.57 -2.46 2.40
O4B NAD K . 9.77 -2.04 1.03
C3B NAD K . 10.94 -2.95 2.88
O3B NAD K . 10.99 -4.37 2.83
C2B NAD K . 11.91 -2.26 1.92
O2B NAD K . 13.10 -3.02 1.71
C1B NAD K . 11.10 -2.29 0.63
N9A NAD K . 11.46 -1.28 -0.34
C8A NAD K . 11.57 0.08 -0.17
N7A NAD K . 11.70 0.75 -1.29
C5A NAD K . 11.67 -0.23 -2.27
C6A NAD K . 11.70 -0.17 -3.68
N6A NAD K . 11.75 0.96 -4.38
N1A NAD K . 11.60 -1.33 -4.36
C2A NAD K . 11.47 -2.47 -3.67
N3A NAD K . 11.43 -2.65 -2.35
C4A NAD K . 11.53 -1.48 -1.70
O3 NAD K . 6.76 -0.48 5.14
PN NAD K . 5.48 -1.41 4.92
O1N NAD K . 4.96 -1.14 3.56
O2N NAD K . 5.79 -2.80 5.29
O5D NAD K . 4.41 -0.79 5.90
C5D NAD K . 4.65 -0.47 7.27
C4D NAD K . 3.76 0.69 7.62
O4D NAD K . 4.30 1.89 7.06
C3D NAD K . 2.31 0.61 7.10
O3D NAD K . 1.44 0.58 8.24
C2D NAD K . 2.13 1.84 6.20
O2D NAD K . 0.83 2.42 6.32
C1D NAD K . 3.26 2.76 6.69
N1N NAD K . 3.81 3.71 5.66
C2N NAD K . 3.11 4.10 4.58
C3N NAD K . 3.67 4.98 3.66
C7N NAD K . 2.90 5.43 2.46
O7N NAD K . 1.67 5.58 2.54
N7N NAD K . 3.58 5.71 1.35
C4N NAD K . 4.96 5.43 3.89
C5N NAD K . 5.67 5.01 5.00
C6N NAD K . 5.07 4.14 5.88
C1 EDO L . -7.36 12.80 -8.99
O1 EDO L . -6.44 12.13 -9.86
C2 EDO L . -7.90 11.80 -7.99
O2 EDO L . -8.30 10.61 -8.68
C11 WU8 M . 0.27 3.57 9.51
C11 WU8 M . 0.35 3.58 9.56
C12 WU8 M . 0.00 5.03 9.08
C12 WU8 M . 0.12 5.04 9.14
C13 WU8 M . -1.33 5.10 8.32
C13 WU8 M . -1.14 5.16 8.28
C21 WU8 M . 4.08 10.39 4.42
C21 WU8 M . 4.03 10.62 4.30
C14 WU8 M . -0.10 5.88 10.34
C14 WU8 M . -0.07 5.87 10.42
C17 WU8 M . 3.10 7.32 8.33
C17 WU8 M . 3.30 7.37 8.11
C18 WU8 M . 3.28 7.44 6.83
C18 WU8 M . 3.76 7.54 6.67
C19 WU8 M . 3.63 8.85 6.39
C19 WU8 M . 3.64 8.97 6.17
C20 WU8 M . 4.08 8.96 4.94
C20 WU8 M . 4.15 9.18 4.75
C15 WU8 M . 1.07 5.49 8.08
C15 WU8 M . 1.29 5.52 8.27
C22 WU8 M . 2.72 11.04 4.55
C22 WU8 M . 2.67 11.23 4.68
C23 WU8 M . 2.74 12.56 4.63
C23 WU8 M . 2.61 12.74 4.57
C24 WU8 M . 2.45 13.26 3.32
C24 WU8 M . 2.53 13.25 3.14
C25 WU8 M . 1.52 12.45 2.41
C25 WU8 M . 1.58 12.47 2.26
C26 WU8 M . 0.50 13.29 1.66
C26 WU8 M . 0.46 13.29 1.64
C27 WU8 M . -0.50 12.45 0.88
C27 WU8 M . -0.53 12.45 0.87
C28 WU8 M . -1.58 13.25 0.21
C28 WU8 M . -1.61 13.26 0.20
O29 WU8 M . 1.35 3.03 9.32
O29 WU8 M . 1.43 3.03 9.40
S16 WU8 M . 2.71 5.63 8.86
S16 WU8 M . 1.50 7.33 8.29
#